data_7N4R
#
_entry.id   7N4R
#
_cell.length_a   71.800
_cell.length_b   104.691
_cell.length_c   38.053
_cell.angle_alpha   90.000
_cell.angle_beta   90.000
_cell.angle_gamma   90.000
#
_symmetry.space_group_name_H-M   'P 21 21 2'
#
loop_
_entity.id
_entity.type
_entity.pdbx_description
1 polymer 'Tyrosine-protein kinase BTK'
2 non-polymer N-{2-[methyl(7H-pyrrolo[2,3-d]pyrimidin-4-yl)amino]ethyl}-N~2~-phenylglycinamide
3 non-polymer 'DIMETHYL SULFOXIDE'
4 water water
#
_entity_poly.entity_id   1
_entity_poly.type   'polypeptide(L)'
_entity_poly.pdbx_seq_one_letter_code
;GYGSWEIDPKDLTFLKELGTGQFGVVKYGKWRGQYDVAIKMIKEGSMSEDEFIEEAKVMMNLSHEKLVQLYGVCTKQRPI
FIITEYMANGCLLNYLREMRHRFQTQQLLEMCKDVCEAMEYLESKQFLHRDLAARNCLVNDQGVVKVSDFGLSRYVLDDE
YTSSVGSKFPVRWSPPEVLMYSKFSSKSDIWAFGVLMWEIYSLGKMPYERFTNSETAEHIAQGLRLYRPHLASEKVYTIM
YSCWHEKADERPTFKILLSNILDVMDEES
;
_entity_poly.pdbx_strand_id   A
#
loop_
_chem_comp.id
_chem_comp.type
_chem_comp.name
_chem_comp.formula
0BG non-polymer N-{2-[methyl(7H-pyrrolo[2,3-d]pyrimidin-4-yl)amino]ethyl}-N~2~-phenylglycinamide 'C17 H20 N6 O'
DMS non-polymer 'DIMETHYL SULFOXIDE' 'C2 H6 O S'
#
# COMPACT_ATOMS: atom_id res chain seq x y z
N GLY A 3 -1.84 -20.88 -19.24
CA GLY A 3 -0.62 -20.37 -18.61
C GLY A 3 -0.77 -20.46 -17.09
N SER A 4 0.36 -20.64 -16.39
CA SER A 4 0.32 -20.77 -14.93
C SER A 4 -0.14 -19.48 -14.24
N TRP A 5 -0.08 -18.32 -14.89
CA TRP A 5 -0.64 -17.08 -14.36
C TRP A 5 -2.12 -16.91 -14.65
N GLU A 6 -2.72 -17.83 -15.42
CA GLU A 6 -4.06 -17.71 -15.97
C GLU A 6 -5.05 -18.52 -15.17
N ILE A 7 -6.03 -17.86 -14.58
CA ILE A 7 -7.18 -18.53 -13.96
C ILE A 7 -8.32 -18.68 -14.96
N ASP A 8 -8.99 -19.83 -14.96
CA ASP A 8 -10.21 -20.02 -15.78
C ASP A 8 -11.35 -19.25 -15.14
N PRO A 9 -11.89 -18.22 -15.81
CA PRO A 9 -12.97 -17.43 -15.18
C PRO A 9 -14.21 -18.29 -14.90
N LYS A 10 -14.40 -19.41 -15.62
N LYS A 10 -14.42 -19.40 -15.61
CA LYS A 10 -15.52 -20.30 -15.34
CA LYS A 10 -15.57 -20.25 -15.28
C LYS A 10 -15.44 -20.89 -13.92
C LYS A 10 -15.43 -20.92 -13.92
N ASP A 11 -14.27 -20.83 -13.29
CA ASP A 11 -14.10 -21.35 -11.93
C ASP A 11 -14.55 -20.36 -10.87
N LEU A 12 -15.06 -19.17 -11.25
CA LEU A 12 -15.46 -18.11 -10.33
C LEU A 12 -16.98 -18.11 -10.15
N THR A 13 -17.41 -17.91 -8.90
CA THR A 13 -18.80 -17.60 -8.56
C THR A 13 -18.77 -16.21 -7.95
N PHE A 14 -19.42 -15.25 -8.60
CA PHE A 14 -19.53 -13.88 -8.07
C PHE A 14 -20.60 -13.80 -7.01
N LEU A 15 -20.29 -13.15 -5.88
CA LEU A 15 -21.24 -13.23 -4.77
C LEU A 15 -21.63 -11.84 -4.23
N LYS A 16 -20.72 -10.87 -4.22
CA LYS A 16 -21.02 -9.57 -3.62
C LYS A 16 -20.17 -8.49 -4.29
N GLU A 17 -20.74 -7.31 -4.44
CA GLU A 17 -19.95 -6.20 -4.95
C GLU A 17 -19.27 -5.56 -3.74
N LEU A 18 -18.00 -5.21 -3.95
CA LEU A 18 -17.18 -4.64 -2.90
C LEU A 18 -16.87 -3.18 -3.13
N GLY A 19 -17.08 -2.67 -4.33
CA GLY A 19 -16.83 -1.26 -4.60
C GLY A 19 -16.51 -1.03 -6.06
N THR A 20 -16.63 0.24 -6.48
CA THR A 20 -16.28 0.70 -7.81
C THR A 20 -15.39 1.92 -7.66
N GLY A 21 -14.50 2.10 -8.62
CA GLY A 21 -13.48 3.12 -8.48
C GLY A 21 -12.78 3.38 -9.78
N GLN A 22 -11.72 4.19 -9.69
CA GLN A 22 -11.02 4.64 -10.90
C GLN A 22 -10.43 3.46 -11.64
N PHE A 23 -10.00 2.43 -10.93
CA PHE A 23 -9.39 1.31 -11.60
C PHE A 23 -10.43 0.29 -12.08
N GLY A 24 -11.67 0.30 -11.53
CA GLY A 24 -12.71 -0.60 -11.98
C GLY A 24 -13.53 -1.09 -10.81
N VAL A 25 -14.30 -2.15 -11.07
CA VAL A 25 -15.27 -2.72 -10.12
C VAL A 25 -14.64 -3.93 -9.45
N VAL A 26 -14.83 -4.10 -8.14
CA VAL A 26 -14.28 -5.26 -7.43
C VAL A 26 -15.41 -6.08 -6.81
N LYS A 27 -15.30 -7.42 -6.90
CA LYS A 27 -16.39 -8.29 -6.43
C LYS A 27 -15.78 -9.32 -5.50
N TYR A 28 -16.56 -9.70 -4.50
CA TYR A 28 -16.24 -10.86 -3.72
C TYR A 28 -16.81 -12.12 -4.38
N GLY A 29 -16.05 -13.20 -4.39
CA GLY A 29 -16.58 -14.43 -4.93
C GLY A 29 -15.86 -15.65 -4.42
N LYS A 30 -16.19 -16.79 -5.01
CA LYS A 30 -15.55 -18.04 -4.67
C LYS A 30 -14.88 -18.68 -5.87
N TRP A 31 -13.71 -19.25 -5.65
CA TRP A 31 -13.01 -20.01 -6.66
C TRP A 31 -13.20 -21.51 -6.41
N ARG A 32 -13.69 -22.20 -7.45
CA ARG A 32 -14.09 -23.61 -7.40
C ARG A 32 -14.97 -23.88 -6.20
N GLY A 33 -15.95 -23.00 -5.98
CA GLY A 33 -17.05 -23.24 -5.06
C GLY A 33 -16.70 -23.14 -3.61
N GLN A 34 -15.48 -22.75 -3.28
CA GLN A 34 -14.96 -23.03 -1.94
C GLN A 34 -14.05 -21.93 -1.37
N TYR A 35 -13.17 -21.37 -2.17
CA TYR A 35 -12.12 -20.49 -1.66
C TYR A 35 -12.45 -19.02 -1.92
N ASP A 36 -12.40 -18.21 -0.86
CA ASP A 36 -12.69 -16.80 -1.02
C ASP A 36 -11.67 -16.12 -1.93
N VAL A 37 -12.17 -15.28 -2.84
CA VAL A 37 -11.32 -14.43 -3.68
C VAL A 37 -11.95 -13.05 -3.87
N ALA A 38 -11.09 -12.08 -4.16
CA ALA A 38 -11.49 -10.81 -4.75
C ALA A 38 -11.30 -10.89 -6.24
N ILE A 39 -12.27 -10.40 -6.98
CA ILE A 39 -12.20 -10.36 -8.43
C ILE A 39 -12.15 -8.91 -8.84
N LYS A 40 -10.96 -8.43 -9.24
CA LYS A 40 -10.77 -7.02 -9.62
C LYS A 40 -10.89 -6.88 -11.14
N MET A 41 -11.86 -6.06 -11.60
CA MET A 41 -12.29 -6.06 -12.99
C MET A 41 -11.72 -4.77 -13.57
N ILE A 42 -10.72 -4.87 -14.44
CA ILE A 42 -10.02 -3.65 -14.86
C ILE A 42 -10.88 -2.85 -15.83
N LYS A 43 -11.08 -1.56 -15.52
CA LYS A 43 -11.93 -0.74 -16.35
C LYS A 43 -11.35 -0.69 -17.75
N GLU A 44 -12.23 -0.78 -18.76
CA GLU A 44 -11.76 -0.78 -20.14
C GLU A 44 -11.14 0.56 -20.47
N GLY A 45 -10.01 0.53 -21.16
CA GLY A 45 -9.29 1.73 -21.54
C GLY A 45 -8.41 2.34 -20.47
N SER A 46 -8.35 1.75 -19.27
CA SER A 46 -7.68 2.39 -18.15
C SER A 46 -6.24 1.95 -17.96
N MET A 47 -5.92 0.83 -18.59
CA MET A 47 -4.57 0.28 -18.35
C MET A 47 -3.86 -0.16 -19.63
N SER A 48 -2.54 -0.17 -19.56
CA SER A 48 -1.72 -0.70 -20.65
C SER A 48 -1.74 -2.22 -20.54
N GLU A 49 -2.67 -2.85 -21.26
CA GLU A 49 -3.01 -4.19 -20.81
C GLU A 49 -1.97 -5.20 -21.21
N ASP A 50 -1.32 -5.06 -22.36
CA ASP A 50 -0.30 -6.04 -22.66
C ASP A 50 0.88 -5.95 -21.70
N GLU A 51 1.30 -4.73 -21.33
CA GLU A 51 2.33 -4.61 -20.29
C GLU A 51 1.86 -5.18 -18.96
N PHE A 52 0.61 -4.91 -18.59
CA PHE A 52 0.15 -5.42 -17.30
C PHE A 52 0.20 -6.93 -17.27
N ILE A 53 -0.28 -7.57 -18.34
CA ILE A 53 -0.29 -9.03 -18.43
C ILE A 53 1.13 -9.60 -18.35
N GLU A 54 2.10 -9.01 -19.07
CA GLU A 54 3.45 -9.53 -18.91
C GLU A 54 3.96 -9.36 -17.49
N GLU A 55 3.63 -8.26 -16.85
CA GLU A 55 4.13 -8.08 -15.49
C GLU A 55 3.47 -9.03 -14.51
N ALA A 56 2.22 -9.43 -14.78
CA ALA A 56 1.52 -10.36 -13.87
C ALA A 56 2.29 -11.67 -13.73
N LYS A 57 3.03 -12.09 -14.76
CA LYS A 57 3.86 -13.28 -14.67
C LYS A 57 4.95 -13.15 -13.61
N VAL A 58 5.60 -12.00 -13.57
CA VAL A 58 6.54 -11.64 -12.49
C VAL A 58 5.81 -11.56 -11.15
N MET A 59 4.63 -10.96 -11.15
CA MET A 59 3.91 -10.76 -9.91
C MET A 59 3.58 -12.11 -9.28
N MET A 60 3.37 -13.15 -10.12
CA MET A 60 3.03 -14.47 -9.60
C MET A 60 4.09 -15.01 -8.66
N ASN A 61 5.33 -14.55 -8.76
CA ASN A 61 6.38 -15.12 -7.94
C ASN A 61 6.61 -14.31 -6.68
N LEU A 62 5.87 -13.22 -6.50
CA LEU A 62 5.91 -12.46 -5.25
C LEU A 62 4.91 -13.05 -4.25
N SER A 63 5.41 -13.53 -3.11
CA SER A 63 4.53 -14.15 -2.13
C SER A 63 5.07 -13.86 -0.74
N HIS A 64 4.27 -13.22 0.10
CA HIS A 64 4.62 -12.95 1.48
C HIS A 64 3.33 -12.82 2.27
N GLU A 65 3.38 -13.26 3.54
CA GLU A 65 2.18 -13.24 4.35
C GLU A 65 1.59 -11.84 4.46
N LYS A 66 2.38 -10.78 4.32
CA LYS A 66 1.85 -9.43 4.49
C LYS A 66 1.70 -8.71 3.17
N LEU A 67 1.77 -9.45 2.07
CA LEU A 67 1.46 -8.90 0.72
C LEU A 67 0.14 -9.51 0.28
N VAL A 68 -0.78 -8.71 -0.23
CA VAL A 68 -2.03 -9.29 -0.77
C VAL A 68 -1.68 -10.31 -1.86
N GLN A 69 -2.10 -11.57 -1.68
CA GLN A 69 -1.65 -12.63 -2.58
C GLN A 69 -2.30 -12.50 -3.94
N LEU A 70 -1.49 -12.57 -5.01
CA LEU A 70 -2.06 -12.61 -6.35
C LEU A 70 -2.26 -14.08 -6.68
N TYR A 71 -3.46 -14.43 -7.11
CA TYR A 71 -3.73 -15.82 -7.51
C TYR A 71 -3.65 -16.02 -9.01
N GLY A 72 -3.87 -15.00 -9.82
CA GLY A 72 -3.92 -15.20 -11.25
C GLY A 72 -4.66 -14.05 -11.92
N VAL A 73 -4.66 -14.07 -13.25
CA VAL A 73 -5.40 -13.11 -14.07
C VAL A 73 -6.27 -13.88 -15.05
N CYS A 74 -7.32 -13.23 -15.54
CA CYS A 74 -8.21 -13.77 -16.57
C CYS A 74 -8.17 -12.77 -17.73
N THR A 75 -7.50 -13.15 -18.80
CA THR A 75 -7.16 -12.20 -19.85
C THR A 75 -7.72 -12.59 -21.19
N LYS A 76 -8.41 -13.71 -21.25
CA LYS A 76 -8.94 -14.17 -22.51
C LYS A 76 -10.27 -13.50 -22.83
N GLN A 77 -10.67 -12.52 -22.03
CA GLN A 77 -11.88 -11.76 -22.26
C GLN A 77 -11.67 -10.36 -21.70
N ARG A 78 -12.68 -9.51 -21.89
CA ARG A 78 -12.62 -8.18 -21.33
C ARG A 78 -13.91 -7.87 -20.59
N PRO A 79 -13.83 -7.24 -19.40
CA PRO A 79 -12.62 -6.71 -18.78
C PRO A 79 -11.64 -7.81 -18.34
N ILE A 80 -10.36 -7.53 -18.22
CA ILE A 80 -9.54 -8.58 -17.62
C ILE A 80 -9.78 -8.55 -16.12
N PHE A 81 -9.61 -9.70 -15.48
CA PHE A 81 -9.79 -9.84 -14.04
C PHE A 81 -8.44 -10.08 -13.42
N ILE A 82 -8.26 -9.54 -12.21
CA ILE A 82 -7.14 -9.84 -11.36
C ILE A 82 -7.75 -10.56 -10.18
N ILE A 83 -7.32 -11.77 -9.93
CA ILE A 83 -7.87 -12.57 -8.85
C ILE A 83 -6.88 -12.54 -7.68
N THR A 84 -7.35 -12.09 -6.52
CA THR A 84 -6.47 -11.84 -5.37
C THR A 84 -7.10 -12.34 -4.07
N GLU A 85 -6.26 -12.34 -3.03
CA GLU A 85 -6.68 -12.62 -1.68
C GLU A 85 -7.84 -11.71 -1.30
N TYR A 86 -8.83 -12.28 -0.64
CA TYR A 86 -9.97 -11.54 -0.10
C TYR A 86 -9.62 -11.00 1.28
N MET A 87 -9.84 -9.70 1.49
CA MET A 87 -9.48 -9.01 2.73
C MET A 87 -10.78 -8.47 3.36
N ALA A 88 -11.37 -9.20 4.29
CA ALA A 88 -12.75 -8.94 4.66
C ALA A 88 -12.99 -7.54 5.17
N ASN A 89 -12.01 -6.92 5.85
CA ASN A 89 -12.23 -5.62 6.48
C ASN A 89 -11.84 -4.43 5.57
N GLY A 90 -11.52 -4.66 4.28
CA GLY A 90 -11.51 -3.57 3.33
C GLY A 90 -10.24 -2.74 3.43
N CYS A 91 -10.40 -1.50 2.94
CA CYS A 91 -9.26 -0.56 2.87
C CYS A 91 -8.81 -0.12 4.26
N LEU A 92 -7.49 -0.09 4.45
CA LEU A 92 -6.91 0.37 5.72
C LEU A 92 -7.33 1.81 6.06
N LEU A 93 -7.39 2.70 5.05
CA LEU A 93 -7.76 4.08 5.34
C LEU A 93 -9.13 4.16 5.98
N ASN A 94 -10.12 3.46 5.40
CA ASN A 94 -11.47 3.49 5.95
C ASN A 94 -11.52 2.83 7.33
N TYR A 95 -10.76 1.74 7.51
CA TYR A 95 -10.66 1.06 8.80
C TYR A 95 -10.13 1.98 9.90
N LEU A 96 -9.05 2.72 9.61
CA LEU A 96 -8.49 3.67 10.56
C LEU A 96 -9.50 4.73 10.96
N ARG A 97 -10.34 5.13 10.01
CA ARG A 97 -11.26 6.23 10.28
C ARG A 97 -12.48 5.79 11.05
N GLU A 98 -12.76 4.61 11.23
CA GLU A 98 -13.80 3.96 12.01
C GLU A 98 -13.51 3.97 13.49
N MET A 99 -14.09 4.99 14.24
CA MET A 99 -13.65 5.39 15.55
C MET A 99 -14.11 4.34 16.57
N ARG A 100 -15.10 3.51 16.18
CA ARG A 100 -15.55 2.44 17.06
C ARG A 100 -14.44 1.47 17.48
N HIS A 101 -13.41 1.25 16.66
CA HIS A 101 -12.43 0.24 17.02
C HIS A 101 -11.68 0.60 18.29
N ARG A 102 -11.59 1.89 18.59
CA ARG A 102 -10.91 2.35 19.81
C ARG A 102 -9.52 1.73 19.92
N PHE A 103 -8.73 1.93 18.86
CA PHE A 103 -7.44 1.23 18.79
C PHE A 103 -6.53 1.59 19.95
N GLN A 104 -5.85 0.57 20.49
CA GLN A 104 -4.69 0.82 21.34
C GLN A 104 -3.49 1.09 20.47
N THR A 105 -2.49 1.78 21.03
CA THR A 105 -1.34 2.08 20.18
C THR A 105 -0.54 0.83 19.84
N GLN A 106 -0.61 -0.23 20.67
CA GLN A 106 -0.01 -1.51 20.32
C GLN A 106 -0.55 -2.04 19.00
N GLN A 107 -1.85 -1.84 18.75
CA GLN A 107 -2.45 -2.28 17.50
C GLN A 107 -1.93 -1.46 16.34
N LEU A 108 -1.80 -0.15 16.56
CA LEU A 108 -1.31 0.71 15.49
C LEU A 108 0.11 0.35 15.12
N LEU A 109 0.95 0.08 16.12
CA LEU A 109 2.33 -0.32 15.82
C LEU A 109 2.40 -1.64 15.07
N GLU A 110 1.49 -2.59 15.42
CA GLU A 110 1.41 -3.84 14.67
C GLU A 110 1.02 -3.63 13.19
N MET A 111 0.06 -2.75 12.90
CA MET A 111 -0.27 -2.32 11.54
C MET A 111 1.00 -1.85 10.81
N CYS A 112 1.78 -0.97 11.45
CA CYS A 112 3.03 -0.52 10.86
C CYS A 112 3.99 -1.66 10.57
N LYS A 113 4.13 -2.58 11.52
CA LYS A 113 5.01 -3.72 11.32
C LYS A 113 4.51 -4.61 10.18
N ASP A 114 3.20 -4.86 10.09
CA ASP A 114 2.67 -5.67 8.98
C ASP A 114 3.14 -5.10 7.64
N VAL A 115 2.96 -3.79 7.46
CA VAL A 115 3.33 -3.13 6.21
C VAL A 115 4.84 -3.16 6.02
N CYS A 116 5.60 -2.92 7.12
CA CYS A 116 7.06 -2.89 6.98
C CYS A 116 7.60 -4.26 6.57
N GLU A 117 7.03 -5.36 7.10
CA GLU A 117 7.47 -6.69 6.68
C GLU A 117 7.20 -6.91 5.19
N ALA A 118 6.02 -6.48 4.71
CA ALA A 118 5.74 -6.58 3.27
C ALA A 118 6.74 -5.79 2.45
N MET A 119 7.04 -4.57 2.91
CA MET A 119 7.95 -3.70 2.17
C MET A 119 9.39 -4.19 2.23
N GLU A 120 9.80 -4.74 3.38
N GLU A 120 9.79 -4.75 3.38
CA GLU A 120 11.13 -5.36 3.43
CA GLU A 120 11.10 -5.37 3.47
C GLU A 120 11.24 -6.50 2.43
C GLU A 120 11.24 -6.52 2.48
N TYR A 121 10.19 -7.30 2.30
CA TYR A 121 10.19 -8.38 1.33
C TYR A 121 10.27 -7.82 -0.10
N LEU A 122 9.45 -6.82 -0.42
CA LEU A 122 9.56 -6.22 -1.75
C LEU A 122 10.94 -5.62 -1.96
N GLU A 123 11.51 -4.97 -0.94
N GLU A 123 11.53 -5.00 -0.94
CA GLU A 123 12.86 -4.42 -1.05
CA GLU A 123 12.86 -4.43 -1.13
C GLU A 123 13.85 -5.52 -1.41
C GLU A 123 13.95 -5.50 -1.33
N SER A 124 13.78 -6.68 -0.72
CA SER A 124 14.71 -7.78 -0.95
C SER A 124 14.62 -8.32 -2.37
N LYS A 125 13.51 -8.08 -3.07
CA LYS A 125 13.28 -8.43 -4.45
C LYS A 125 13.53 -7.24 -5.38
N GLN A 126 14.07 -6.13 -4.86
CA GLN A 126 14.31 -4.90 -5.64
C GLN A 126 13.03 -4.40 -6.34
N PHE A 127 11.89 -4.61 -5.72
CA PHE A 127 10.59 -4.24 -6.27
C PHE A 127 10.03 -3.02 -5.53
N LEU A 128 9.69 -1.98 -6.28
CA LEU A 128 9.12 -0.76 -5.71
C LEU A 128 7.61 -0.85 -5.72
N HIS A 129 6.99 -0.42 -4.61
CA HIS A 129 5.53 -0.25 -4.64
C HIS A 129 5.11 0.88 -5.58
N ARG A 130 5.74 2.04 -5.42
CA ARG A 130 5.55 3.23 -6.23
C ARG A 130 4.29 4.03 -5.87
N ASP A 131 3.34 3.49 -5.08
CA ASP A 131 2.21 4.29 -4.57
C ASP A 131 1.79 3.79 -3.18
N LEU A 132 2.76 3.67 -2.25
CA LEU A 132 2.46 3.15 -0.93
C LEU A 132 1.73 4.22 -0.14
N ALA A 133 0.61 3.85 0.45
CA ALA A 133 -0.25 4.73 1.23
C ALA A 133 -1.33 3.86 1.89
N ALA A 134 -1.99 4.42 2.90
CA ALA A 134 -3.02 3.64 3.58
C ALA A 134 -4.13 3.24 2.62
N ARG A 135 -4.39 4.06 1.61
CA ARG A 135 -5.45 3.72 0.67
C ARG A 135 -5.10 2.49 -0.17
N ASN A 136 -3.81 2.09 -0.16
CA ASN A 136 -3.34 0.91 -0.91
C ASN A 136 -2.91 -0.21 0.02
N CYS A 137 -3.49 -0.26 1.24
CA CYS A 137 -3.35 -1.39 2.14
C CYS A 137 -4.74 -1.89 2.47
N LEU A 138 -4.83 -3.20 2.76
CA LEU A 138 -6.10 -3.81 3.05
C LEU A 138 -6.00 -4.56 4.38
N VAL A 139 -7.16 -4.88 4.96
CA VAL A 139 -7.21 -5.47 6.31
C VAL A 139 -8.02 -6.73 6.21
N ASN A 140 -7.47 -7.85 6.73
CA ASN A 140 -8.25 -9.09 6.64
C ASN A 140 -9.14 -9.33 7.87
N ASP A 141 -9.85 -10.47 7.91
CA ASP A 141 -10.80 -10.74 8.98
C ASP A 141 -10.14 -10.90 10.34
N GLN A 142 -8.84 -11.12 10.38
CA GLN A 142 -8.11 -11.16 11.63
C GLN A 142 -7.44 -9.84 11.99
N GLY A 143 -7.66 -8.79 11.24
CA GLY A 143 -7.05 -7.51 11.58
C GLY A 143 -5.67 -7.34 11.04
N VAL A 144 -5.17 -8.30 10.26
CA VAL A 144 -3.85 -8.21 9.66
C VAL A 144 -3.91 -7.23 8.51
N VAL A 145 -2.90 -6.33 8.45
CA VAL A 145 -2.77 -5.38 7.32
C VAL A 145 -1.85 -5.98 6.27
N LYS A 146 -2.26 -5.84 5.00
CA LYS A 146 -1.43 -6.29 3.89
C LYS A 146 -1.37 -5.23 2.81
N VAL A 147 -0.24 -5.22 2.08
CA VAL A 147 0.04 -4.21 1.08
C VAL A 147 -0.55 -4.67 -0.25
N SER A 148 -1.26 -3.77 -0.94
CA SER A 148 -2.06 -4.09 -2.10
C SER A 148 -1.59 -3.27 -3.31
N ASP A 149 -1.79 -3.82 -4.50
CA ASP A 149 -1.59 -3.08 -5.77
C ASP A 149 -0.17 -2.56 -5.92
N PHE A 150 0.81 -3.32 -5.38
CA PHE A 150 2.20 -2.90 -5.47
C PHE A 150 2.63 -2.93 -6.93
N GLY A 151 3.20 -1.80 -7.41
CA GLY A 151 3.61 -1.76 -8.78
C GLY A 151 2.55 -1.37 -9.79
N LEU A 152 1.26 -1.34 -9.40
CA LEU A 152 0.19 -1.22 -10.38
C LEU A 152 0.24 0.08 -11.15
N SER A 153 0.69 1.18 -10.53
CA SER A 153 0.62 2.50 -11.17
C SER A 153 1.40 2.56 -12.45
N ARG A 154 2.35 1.65 -12.64
CA ARG A 154 3.12 1.66 -13.87
C ARG A 154 2.26 1.46 -15.11
N TYR A 155 1.09 0.82 -14.98
CA TYR A 155 0.28 0.43 -16.14
C TYR A 155 -0.96 1.28 -16.26
N VAL A 156 -1.13 2.24 -15.36
CA VAL A 156 -2.32 3.09 -15.41
C VAL A 156 -2.10 4.20 -16.42
N LEU A 157 -3.00 4.29 -17.41
CA LEU A 157 -2.88 5.24 -18.51
C LEU A 157 -3.28 6.69 -18.15
N ASP A 158 -3.94 6.94 -17.04
CA ASP A 158 -4.24 8.32 -16.62
C ASP A 158 -3.10 8.92 -15.81
N LYS A 168 -3.90 13.83 -10.07
CA LYS A 168 -4.21 12.70 -9.19
C LYS A 168 -2.95 12.01 -8.65
N PHE A 169 -1.78 12.60 -8.84
CA PHE A 169 -0.53 12.02 -8.37
C PHE A 169 -0.42 12.12 -6.85
N PRO A 170 0.29 11.16 -6.19
CA PRO A 170 0.37 11.10 -4.71
C PRO A 170 1.40 12.07 -4.13
N VAL A 171 1.14 13.36 -4.37
CA VAL A 171 2.03 14.42 -3.88
C VAL A 171 2.34 14.24 -2.39
N ARG A 172 1.31 13.95 -1.58
CA ARG A 172 1.52 13.99 -0.15
C ARG A 172 2.30 12.79 0.38
N TRP A 173 2.60 11.80 -0.48
CA TRP A 173 3.38 10.63 -0.10
C TRP A 173 4.74 10.62 -0.81
N SER A 174 5.14 11.75 -1.39
CA SER A 174 6.33 11.81 -2.25
C SER A 174 7.47 12.63 -1.65
N PRO A 175 8.71 12.17 -1.77
CA PRO A 175 9.87 12.94 -1.27
C PRO A 175 10.21 14.10 -2.19
N PRO A 176 11.04 15.03 -1.74
CA PRO A 176 11.40 16.17 -2.59
C PRO A 176 11.98 15.78 -3.96
N GLU A 177 12.81 14.72 -4.03
CA GLU A 177 13.41 14.42 -5.32
C GLU A 177 12.44 13.82 -6.31
N VAL A 178 11.33 13.24 -5.86
CA VAL A 178 10.25 12.83 -6.76
C VAL A 178 9.51 14.06 -7.26
N LEU A 179 9.18 14.96 -6.34
CA LEU A 179 8.39 16.12 -6.75
C LEU A 179 9.18 17.05 -7.66
N MET A 180 10.51 17.13 -7.49
CA MET A 180 11.33 18.09 -8.23
C MET A 180 11.89 17.49 -9.49
N TYR A 181 12.17 16.18 -9.50
CA TYR A 181 12.97 15.56 -10.54
C TYR A 181 12.47 14.21 -11.03
N SER A 182 11.36 13.69 -10.46
CA SER A 182 10.82 12.36 -10.79
C SER A 182 11.86 11.28 -10.50
N LYS A 183 12.61 11.43 -9.39
CA LYS A 183 13.65 10.45 -9.03
C LYS A 183 13.05 9.38 -8.11
N PHE A 184 12.62 8.27 -8.69
CA PHE A 184 12.00 7.20 -7.91
C PHE A 184 13.09 6.20 -7.53
N SER A 185 12.96 5.64 -6.33
CA SER A 185 13.95 4.70 -5.83
C SER A 185 13.36 3.98 -4.62
N SER A 186 14.13 3.02 -4.07
CA SER A 186 13.77 2.45 -2.79
C SER A 186 13.48 3.52 -1.77
N LYS A 187 14.21 4.63 -1.86
CA LYS A 187 14.04 5.68 -0.83
C LYS A 187 12.77 6.52 -1.03
N SER A 188 12.15 6.50 -2.22
CA SER A 188 10.84 7.14 -2.30
C SER A 188 9.74 6.27 -1.69
N ASP A 189 9.88 4.93 -1.74
CA ASP A 189 9.00 4.05 -0.97
C ASP A 189 9.23 4.21 0.53
N ILE A 190 10.48 4.38 0.96
CA ILE A 190 10.77 4.66 2.37
C ILE A 190 10.07 5.92 2.84
N TRP A 191 10.16 7.00 2.04
CA TRP A 191 9.48 8.25 2.43
C TRP A 191 7.97 8.02 2.56
N ALA A 192 7.34 7.34 1.57
CA ALA A 192 5.91 7.07 1.60
C ALA A 192 5.53 6.21 2.79
N PHE A 193 6.40 5.24 3.16
CA PHE A 193 6.14 4.44 4.36
C PHE A 193 6.06 5.33 5.59
N GLY A 194 6.98 6.28 5.73
CA GLY A 194 6.87 7.14 6.90
C GLY A 194 5.55 7.91 6.93
N VAL A 195 5.09 8.37 5.76
CA VAL A 195 3.78 9.06 5.70
C VAL A 195 2.67 8.12 6.08
N LEU A 196 2.77 6.84 5.65
CA LEU A 196 1.77 5.84 6.01
C LEU A 196 1.77 5.60 7.54
N MET A 197 2.95 5.49 8.16
CA MET A 197 2.99 5.48 9.63
C MET A 197 2.24 6.67 10.21
N TRP A 198 2.47 7.88 9.67
CA TRP A 198 1.75 9.05 10.18
C TRP A 198 0.24 8.87 10.02
N GLU A 199 -0.18 8.29 8.88
CA GLU A 199 -1.62 8.05 8.63
C GLU A 199 -2.19 7.11 9.69
N ILE A 200 -1.48 6.01 9.97
CA ILE A 200 -1.95 5.06 10.96
C ILE A 200 -2.09 5.73 12.31
N TYR A 201 -1.01 6.41 12.76
CA TYR A 201 -1.07 7.01 14.10
C TYR A 201 -2.01 8.23 14.16
N SER A 202 -2.37 8.81 13.03
CA SER A 202 -3.37 9.87 12.99
C SER A 202 -4.78 9.35 12.73
N LEU A 203 -5.02 8.00 12.83
CA LEU A 203 -6.37 7.44 12.63
C LEU A 203 -6.98 7.87 11.26
N GLY A 204 -6.15 7.90 10.21
CA GLY A 204 -6.58 8.16 8.83
C GLY A 204 -6.81 9.61 8.45
N LYS A 205 -6.24 10.55 9.19
CA LYS A 205 -6.22 11.93 8.70
C LYS A 205 -5.45 12.02 7.38
N MET A 206 -5.88 12.97 6.54
CA MET A 206 -5.15 13.37 5.32
C MET A 206 -3.83 14.02 5.73
N PRO A 207 -2.67 13.55 5.24
CA PRO A 207 -1.41 14.26 5.50
C PRO A 207 -1.48 15.68 4.95
N TYR A 208 -0.94 16.65 5.71
CA TYR A 208 -0.97 18.03 5.34
C TYR A 208 -2.42 18.45 5.10
N GLU A 209 -3.29 18.09 6.06
CA GLU A 209 -4.73 18.20 5.82
C GLU A 209 -5.19 19.61 5.43
N ARG A 210 -4.57 20.66 5.95
CA ARG A 210 -5.01 22.02 5.63
C ARG A 210 -4.41 22.59 4.34
N PHE A 211 -3.59 21.80 3.67
CA PHE A 211 -2.91 22.28 2.49
C PHE A 211 -3.49 21.64 1.24
N THR A 212 -3.33 22.33 0.11
CA THR A 212 -3.52 21.67 -1.17
C THR A 212 -2.26 20.86 -1.52
N ASN A 213 -2.35 20.08 -2.59
CA ASN A 213 -1.16 19.42 -3.09
C ASN A 213 -0.07 20.41 -3.47
N SER A 214 -0.43 21.49 -4.15
N SER A 214 -0.42 21.51 -4.14
N SER A 214 -0.42 21.50 -4.15
CA SER A 214 0.58 22.47 -4.54
CA SER A 214 0.62 22.45 -4.55
CA SER A 214 0.59 22.48 -4.54
C SER A 214 1.24 23.10 -3.32
C SER A 214 1.25 23.14 -3.33
C SER A 214 1.23 23.12 -3.33
N GLU A 215 0.46 23.43 -2.30
CA GLU A 215 1.04 23.97 -1.07
C GLU A 215 1.91 22.93 -0.35
N THR A 216 1.52 21.65 -0.39
CA THR A 216 2.31 20.58 0.23
C THR A 216 3.67 20.48 -0.42
N ALA A 217 3.68 20.50 -1.76
CA ALA A 217 4.92 20.41 -2.51
C ALA A 217 5.88 21.53 -2.12
N GLU A 218 5.37 22.76 -2.01
CA GLU A 218 6.22 23.89 -1.61
C GLU A 218 6.70 23.74 -0.17
N HIS A 219 5.84 23.30 0.73
CA HIS A 219 6.20 23.07 2.12
C HIS A 219 7.38 22.08 2.23
N ILE A 220 7.24 20.93 1.55
CA ILE A 220 8.22 19.83 1.53
C ILE A 220 9.56 20.32 1.03
N ALA A 221 9.53 21.14 -0.02
CA ALA A 221 10.74 21.66 -0.66
C ALA A 221 11.44 22.65 0.25
N GLN A 222 10.67 23.49 0.94
CA GLN A 222 11.30 24.31 1.94
C GLN A 222 11.79 23.54 3.12
N GLY A 223 11.79 22.21 3.20
CA GLY A 223 12.36 21.50 4.33
C GLY A 223 11.41 21.29 5.49
N LEU A 224 10.15 21.60 5.33
CA LEU A 224 9.23 21.39 6.43
C LEU A 224 8.56 20.02 6.33
N ARG A 225 7.95 19.59 7.43
CA ARG A 225 7.54 18.20 7.58
C ARG A 225 6.20 18.10 8.29
N LEU A 226 5.60 16.91 8.19
CA LEU A 226 4.54 16.52 9.11
C LEU A 226 5.12 16.51 10.51
N TYR A 227 4.26 16.63 11.51
CA TYR A 227 4.76 16.56 12.88
C TYR A 227 4.03 15.46 13.64
N ARG A 228 4.38 15.27 14.91
CA ARG A 228 4.03 14.07 15.66
C ARG A 228 2.53 13.92 15.91
N PRO A 229 1.93 12.81 15.47
CA PRO A 229 0.54 12.52 15.83
C PRO A 229 0.43 12.37 17.34
N HIS A 230 -0.68 12.80 17.89
CA HIS A 230 -0.91 12.65 19.31
C HIS A 230 -0.68 11.25 19.83
N LEU A 231 -1.02 10.22 19.03
CA LEU A 231 -0.92 8.85 19.55
C LEU A 231 0.46 8.23 19.40
N ALA A 232 1.39 8.86 18.71
CA ALA A 232 2.75 8.33 18.53
C ALA A 232 3.62 8.74 19.70
N SER A 233 4.27 7.75 20.31
CA SER A 233 5.29 8.02 21.30
C SER A 233 6.48 8.72 20.67
N GLU A 234 7.40 9.24 21.51
CA GLU A 234 8.61 9.84 20.95
C GLU A 234 9.39 8.83 20.09
N LYS A 235 9.50 7.58 20.57
CA LYS A 235 10.23 6.56 19.80
C LYS A 235 9.56 6.23 18.48
N VAL A 236 8.24 6.18 18.45
CA VAL A 236 7.55 5.92 17.18
C VAL A 236 7.76 7.09 16.22
N TYR A 237 7.63 8.33 16.72
CA TYR A 237 7.84 9.50 15.86
C TYR A 237 9.24 9.49 15.29
N THR A 238 10.22 9.13 16.10
CA THR A 238 11.59 9.06 15.58
C THR A 238 11.66 8.15 14.36
N ILE A 239 10.94 7.03 14.41
CA ILE A 239 10.97 6.11 13.27
C ILE A 239 10.35 6.75 12.04
N MET A 240 9.16 7.35 12.17
CA MET A 240 8.54 7.84 10.92
C MET A 240 9.30 9.06 10.40
N TYR A 241 9.87 9.83 11.31
CA TYR A 241 10.58 11.04 10.89
C TYR A 241 11.87 10.68 10.17
N SER A 242 12.51 9.56 10.56
CA SER A 242 13.74 9.13 9.89
C SER A 242 13.49 8.86 8.41
N CYS A 243 12.24 8.60 8.02
CA CYS A 243 11.92 8.33 6.62
C CYS A 243 11.92 9.59 5.77
N TRP A 244 12.10 10.78 6.37
CA TRP A 244 11.87 12.03 5.65
C TRP A 244 13.14 12.86 5.55
N HIS A 245 14.32 12.26 5.70
CA HIS A 245 15.53 13.02 5.48
C HIS A 245 15.52 13.60 4.08
N GLU A 246 15.88 14.89 3.97
CA GLU A 246 15.99 15.53 2.68
C GLU A 246 16.82 14.67 1.74
N LYS A 247 17.93 14.15 2.25
CA LYS A 247 18.88 13.40 1.44
C LYS A 247 18.44 11.94 1.45
N ALA A 248 18.09 11.44 0.27
CA ALA A 248 17.54 10.10 0.13
C ALA A 248 18.47 9.05 0.74
N ASP A 249 19.77 9.21 0.54
CA ASP A 249 20.74 8.21 1.02
C ASP A 249 20.85 8.17 2.54
N GLU A 250 20.34 9.18 3.26
CA GLU A 250 20.32 9.15 4.72
C GLU A 250 19.08 8.47 5.27
N ARG A 251 18.12 8.14 4.43
CA ARG A 251 16.95 7.45 4.90
C ARG A 251 17.26 5.97 5.13
N PRO A 252 16.61 5.33 6.11
CA PRO A 252 16.89 3.92 6.40
C PRO A 252 16.33 3.01 5.30
N THR A 253 16.73 1.75 5.36
CA THR A 253 16.15 0.66 4.58
C THR A 253 14.94 0.12 5.33
N PHE A 254 14.17 -0.74 4.65
CA PHE A 254 13.04 -1.35 5.33
C PHE A 254 13.51 -2.37 6.34
N LYS A 255 14.65 -2.99 6.10
CA LYS A 255 15.21 -3.87 7.10
C LYS A 255 15.51 -3.12 8.39
N ILE A 256 16.06 -1.93 8.28
CA ILE A 256 16.40 -1.18 9.49
C ILE A 256 15.10 -0.69 10.14
N LEU A 257 14.15 -0.19 9.35
CA LEU A 257 12.86 0.22 9.92
C LEU A 257 12.19 -0.93 10.66
N LEU A 258 12.18 -2.14 10.07
CA LEU A 258 11.57 -3.28 10.77
C LEU A 258 12.24 -3.52 12.12
N SER A 259 13.57 -3.51 12.14
N SER A 259 13.57 -3.46 12.14
CA SER A 259 14.28 -3.72 13.39
CA SER A 259 14.30 -3.69 13.38
C SER A 259 13.95 -2.62 14.41
C SER A 259 13.94 -2.63 14.41
N ASN A 260 13.82 -1.37 13.96
CA ASN A 260 13.46 -0.29 14.85
C ASN A 260 12.05 -0.49 15.40
N ILE A 261 11.11 -0.90 14.54
CA ILE A 261 9.72 -1.13 14.97
C ILE A 261 9.64 -2.26 15.98
N LEU A 262 10.28 -3.38 15.68
CA LEU A 262 10.35 -4.51 16.64
C LEU A 262 10.93 -4.06 17.99
N ASP A 263 11.98 -3.22 17.97
CA ASP A 263 12.57 -2.74 19.21
C ASP A 263 11.58 -1.92 20.02
N VAL A 264 10.81 -1.05 19.33
CA VAL A 264 9.83 -0.24 20.04
C VAL A 264 8.71 -1.10 20.57
N MET A 265 8.27 -2.12 19.79
N MET A 265 8.29 -2.11 19.78
CA MET A 265 7.28 -3.06 20.32
CA MET A 265 7.29 -3.07 20.25
C MET A 265 7.74 -3.72 21.59
C MET A 265 7.73 -3.78 21.53
N ASP A 266 9.02 -4.08 21.65
CA ASP A 266 9.51 -4.66 22.88
C ASP A 266 9.54 -3.65 24.03
N GLU A 267 9.88 -2.38 23.76
CA GLU A 267 9.97 -1.40 24.84
C GLU A 267 8.61 -1.00 25.35
N GLU A 268 7.62 -1.00 24.46
CA GLU A 268 6.31 -0.43 24.72
C GLU A 268 5.31 -1.57 24.83
N1 0BG B . -10.65 -7.84 -0.49
N3 0BG B . -11.40 -3.94 -1.80
C4 0BG B . -10.11 -6.01 -2.00
C5 0BG B . -11.17 -5.25 -1.44
C6 0BG B . -12.54 -3.13 -1.33
C10 0BG B . -9.05 -2.19 -5.25
C13 0BG B . -7.25 -2.73 -9.38
C15 0BG B . -9.14 -3.15 -10.77
C17 0BG B . -9.46 -2.19 -8.59
C1 0BG B . -9.92 -7.30 -1.50
C11 0BG B . -8.40 -1.17 -6.16
C12 0BG B . -8.09 -2.26 -8.36
C14 0BG B . -7.78 -3.18 -10.58
C16 0BG B . -9.97 -2.67 -9.78
C18 0BG B . -10.41 -3.10 -2.48
C19 0BG B . -11.60 -7.03 -0.02
C2 0BG B . -8.40 -7.01 -3.06
C3 0BG B . -9.12 -5.86 -3.04
C9 0BG B . -10.98 -2.60 -3.79
N2 0BG B . -8.87 -7.90 -2.13
N4 0BG B . -10.01 -1.73 -4.44
N5 0BG B . -7.59 -1.78 -7.18
N6 0BG B . -11.90 -5.79 -0.43
O1 0BG B . -8.73 -3.38 -5.29
S DMS C . -7.93 17.79 2.45
O DMS C . -6.60 18.14 1.92
C1 DMS C . -7.90 17.57 4.21
C2 DMS C . -8.79 16.29 2.04
#